data_9LNH
#
_entry.id   9LNH
#
_cell.length_a   64.391
_cell.length_b   77.840
_cell.length_c   82.136
_cell.angle_alpha   90.000
_cell.angle_beta   90.000
_cell.angle_gamma   90.000
#
_symmetry.space_group_name_H-M   'P 21 21 21'
#
loop_
_entity.id
_entity.type
_entity.pdbx_description
1 polymer Peroxiredoxin-1
2 non-polymer '(2~{S})-2-[[(2~{R},4~{a}~{S},6~{a}~{R},6~{a}~{S},14~{a}~{S},14~{b}~{R})-2,4~{a},6~{a},6~{a},9,14~{a}-hexamethyl-10-oxidanyl-11-oxidanylidene-1,3,4,5,6,13,14,14~{b}-octahydropicen-2-yl]carbamoylamino]butanoic acid'
3 water water
#
_entity_poly.entity_id   1
_entity_poly.type   'polypeptide(L)'
_entity_poly.pdbx_seq_one_letter_code
;MSSGNAKIGHPAPNFKATAVMPDGQFKDISLSDYKGKYVVFFFYPLDFTFVSPTEIIAFSDRAEEFKKLNCQVIGASVDS
HFSHLAWVNTPKKQGGLGPMNIPLVSDPKRTIAQDYGVLKADEGISFRGLFIIDDKGILRQITVNDLPVGRSVDETLRLV
QAFQFTDKHGEVCPA
;
_entity_poly.pdbx_strand_id   A,B
#
# COMPACT_ATOMS: atom_id res chain seq x y z
N SER A 3 -5.28 6.55 12.78
CA SER A 3 -6.73 6.45 12.96
C SER A 3 -7.41 6.09 11.64
N GLY A 4 -8.70 6.40 11.55
CA GLY A 4 -9.53 5.92 10.46
C GLY A 4 -10.18 4.58 10.79
N ASN A 5 -11.13 4.20 9.93
CA ASN A 5 -11.88 2.96 10.10
C ASN A 5 -11.67 1.99 8.96
N ALA A 6 -10.67 2.23 8.11
CA ALA A 6 -10.35 1.29 7.04
C ALA A 6 -9.49 0.17 7.64
N LYS A 7 -10.06 -1.02 7.75
CA LYS A 7 -9.37 -2.17 8.33
C LYS A 7 -9.47 -3.35 7.39
N ILE A 8 -8.33 -4.00 7.14
CA ILE A 8 -8.31 -5.17 6.27
C ILE A 8 -9.23 -6.25 6.83
N GLY A 9 -10.06 -6.83 5.95
CA GLY A 9 -10.96 -7.89 6.35
C GLY A 9 -12.27 -7.43 6.97
N HIS A 10 -12.45 -6.12 7.13
CA HIS A 10 -13.67 -5.51 7.60
C HIS A 10 -14.35 -4.78 6.46
N PRO A 11 -15.67 -4.53 6.57
CA PRO A 11 -16.34 -3.72 5.55
C PRO A 11 -15.64 -2.37 5.35
N ALA A 12 -15.39 -2.02 4.09
CA ALA A 12 -14.80 -0.72 3.81
C ALA A 12 -15.80 0.37 4.21
N PRO A 13 -15.34 1.47 4.80
CA PRO A 13 -16.27 2.53 5.23
C PRO A 13 -17.12 3.01 4.08
N ASN A 14 -18.44 2.99 4.27
CA ASN A 14 -19.31 3.51 3.22
C ASN A 14 -19.18 5.02 3.14
N PHE A 15 -19.59 5.57 2.00
CA PHE A 15 -19.67 7.00 1.84
C PHE A 15 -20.80 7.29 0.88
N LYS A 16 -21.32 8.52 0.96
CA LYS A 16 -22.26 9.04 -0.02
C LYS A 16 -21.79 10.45 -0.37
N ALA A 17 -21.49 10.67 -1.64
CA ALA A 17 -20.87 11.93 -2.01
C ALA A 17 -21.23 12.27 -3.44
N THR A 18 -21.14 13.55 -3.75
CA THR A 18 -21.30 14.01 -5.12
C THR A 18 -20.07 13.67 -5.93
N ALA A 19 -20.29 13.10 -7.11
CA ALA A 19 -19.23 12.73 -8.03
C ALA A 19 -19.49 13.36 -9.38
N VAL A 20 -18.42 13.66 -10.12
CA VAL A 20 -18.54 13.98 -11.54
C VAL A 20 -18.43 12.65 -12.28
N MET A 21 -19.51 12.25 -12.94
CA MET A 21 -19.58 10.96 -13.61
C MET A 21 -18.91 11.03 -14.98
N PRO A 22 -18.61 9.88 -15.57
CA PRO A 22 -17.98 9.89 -16.90
C PRO A 22 -18.75 10.66 -17.95
N ASP A 23 -20.08 10.76 -17.84
CA ASP A 23 -20.82 11.54 -18.84
C ASP A 23 -20.69 13.04 -18.62
N GLY A 24 -19.92 13.46 -17.61
CA GLY A 24 -19.69 14.87 -17.38
C GLY A 24 -20.69 15.54 -16.47
N GLN A 25 -21.66 14.79 -15.95
CA GLN A 25 -22.66 15.33 -15.05
C GLN A 25 -22.35 14.92 -13.62
N PHE A 26 -22.98 15.58 -12.66
CA PHE A 26 -22.70 15.22 -11.29
C PHE A 26 -23.29 13.84 -10.99
N LYS A 27 -23.63 13.55 -9.75
CA LYS A 27 -24.45 12.42 -9.31
C LYS A 27 -24.00 12.04 -7.93
N ASP A 28 -24.94 11.87 -7.02
CA ASP A 28 -24.63 11.40 -5.69
C ASP A 28 -24.51 9.88 -5.73
N ILE A 29 -23.35 9.36 -5.35
CA ILE A 29 -23.09 7.93 -5.41
C ILE A 29 -22.57 7.47 -4.05
N SER A 30 -22.73 6.17 -3.81
CA SER A 30 -22.28 5.53 -2.58
C SER A 30 -21.40 4.35 -2.93
N LEU A 31 -20.44 4.05 -2.06
CA LEU A 31 -19.66 2.83 -2.25
C LEU A 31 -20.58 1.62 -2.36
N SER A 32 -21.62 1.57 -1.53
CA SER A 32 -22.55 0.45 -1.55
C SER A 32 -23.24 0.26 -2.89
N ASP A 33 -23.27 1.30 -3.75
CA ASP A 33 -23.81 1.16 -5.10
C ASP A 33 -23.08 0.08 -5.88
N TYR A 34 -21.87 -0.26 -5.47
CA TYR A 34 -20.99 -1.12 -6.24
C TYR A 34 -20.82 -2.50 -5.62
N LYS A 35 -21.69 -2.88 -4.67
CA LYS A 35 -21.80 -4.27 -4.27
C LYS A 35 -21.89 -5.17 -5.49
N GLY A 36 -21.17 -6.28 -5.44
CA GLY A 36 -21.12 -7.21 -6.54
C GLY A 36 -19.99 -6.96 -7.51
N LYS A 37 -19.27 -5.85 -7.36
CA LYS A 37 -18.08 -5.55 -8.14
C LYS A 37 -16.94 -5.28 -7.18
N TYR A 38 -15.73 -5.61 -7.63
CA TYR A 38 -14.55 -5.09 -6.95
C TYR A 38 -14.51 -3.58 -7.15
N VAL A 39 -13.87 -2.88 -6.22
CA VAL A 39 -13.72 -1.44 -6.32
C VAL A 39 -12.27 -1.06 -6.04
N VAL A 40 -11.70 -0.23 -6.90
CA VAL A 40 -10.47 0.49 -6.60
C VAL A 40 -10.87 1.92 -6.27
N PHE A 41 -10.64 2.34 -5.03
CA PHE A 41 -11.01 3.67 -4.55
C PHE A 41 -9.73 4.40 -4.20
N PHE A 42 -9.43 5.48 -4.94
CA PHE A 42 -8.17 6.18 -4.70
C PHE A 42 -8.40 7.66 -4.46
N PHE A 43 -7.61 8.20 -3.54
CA PHE A 43 -7.59 9.62 -3.20
C PHE A 43 -6.40 10.29 -3.86
N TYR A 44 -6.56 11.55 -4.19
CA TYR A 44 -5.44 12.39 -4.59
C TYR A 44 -5.59 13.71 -3.85
N PRO A 45 -4.50 14.45 -3.65
CA PRO A 45 -4.54 15.57 -2.70
C PRO A 45 -5.45 16.71 -3.12
N LEU A 46 -5.32 17.25 -4.34
CA LEU A 46 -6.23 18.30 -4.76
C LEU A 46 -6.16 18.48 -6.27
N ASP A 47 -7.16 19.18 -6.79
CA ASP A 47 -7.29 19.38 -8.23
C ASP A 47 -6.23 20.37 -8.72
N PHE A 48 -5.97 20.30 -10.02
CA PHE A 48 -5.19 21.30 -10.75
C PHE A 48 -3.72 21.30 -10.30
N THR A 49 -3.20 20.12 -10.02
CA THR A 49 -1.82 19.93 -9.61
C THR A 49 -1.08 19.17 -10.72
N PHE A 50 0.12 18.70 -10.39
CA PHE A 50 1.04 18.21 -11.41
C PHE A 50 1.15 16.70 -11.49
N VAL A 51 1.22 16.00 -10.35
CA VAL A 51 1.32 14.55 -10.36
C VAL A 51 -0.06 13.92 -10.46
N SER A 52 -1.04 14.46 -9.73
CA SER A 52 -2.38 13.87 -9.71
C SER A 52 -3.00 13.69 -11.08
N PRO A 53 -2.96 14.65 -12.00
CA PRO A 53 -3.62 14.40 -13.30
C PRO A 53 -3.02 13.22 -14.04
N THR A 54 -1.71 13.01 -13.92
CA THR A 54 -1.11 11.86 -14.61
C THR A 54 -1.68 10.55 -14.08
N GLU A 55 -1.86 10.46 -12.76
CA GLU A 55 -2.49 9.28 -12.17
C GLU A 55 -3.93 9.13 -12.62
N ILE A 56 -4.70 10.22 -12.54
CA ILE A 56 -6.12 10.14 -12.85
C ILE A 56 -6.32 9.72 -14.30
N ILE A 57 -5.57 10.34 -15.21
CA ILE A 57 -5.69 10.03 -16.63
C ILE A 57 -5.26 8.59 -16.91
N ALA A 58 -4.23 8.12 -16.20
CA ALA A 58 -3.79 6.74 -16.40
C ALA A 58 -4.88 5.76 -16.03
N PHE A 59 -5.51 5.95 -14.86
CA PHE A 59 -6.61 5.08 -14.47
C PHE A 59 -7.79 5.20 -15.42
N SER A 60 -8.10 6.43 -15.84
CA SER A 60 -9.23 6.60 -16.74
C SER A 60 -8.95 5.95 -18.09
N ASP A 61 -7.75 6.18 -18.63
CA ASP A 61 -7.38 5.60 -19.94
C ASP A 61 -7.50 4.08 -19.93
N ARG A 62 -7.19 3.46 -18.79
CA ARG A 62 -7.13 2.01 -18.69
C ARG A 62 -8.32 1.42 -17.97
N ALA A 63 -9.42 2.18 -17.86
CA ALA A 63 -10.59 1.71 -17.11
C ALA A 63 -11.14 0.42 -17.69
N GLU A 64 -11.01 0.21 -19.00
CA GLU A 64 -11.50 -1.01 -19.63
C GLU A 64 -10.84 -2.25 -19.04
N GLU A 65 -9.55 -2.15 -18.69
CA GLU A 65 -8.87 -3.29 -18.09
C GLU A 65 -9.44 -3.64 -16.73
N PHE A 66 -9.93 -2.64 -16.00
CA PHE A 66 -10.61 -2.92 -14.74
C PHE A 66 -12.02 -3.44 -14.99
N LYS A 67 -12.71 -2.91 -16.00
CA LYS A 67 -14.06 -3.40 -16.30
C LYS A 67 -14.05 -4.88 -16.63
N LYS A 68 -13.03 -5.33 -17.37
CA LYS A 68 -12.89 -6.74 -17.70
C LYS A 68 -12.67 -7.60 -16.46
N LEU A 69 -12.22 -7.00 -15.36
CA LEU A 69 -12.09 -7.69 -14.08
C LEU A 69 -13.30 -7.45 -13.17
N ASN A 70 -14.40 -6.95 -13.72
CA ASN A 70 -15.60 -6.63 -12.93
C ASN A 70 -15.24 -5.69 -11.78
N CYS A 71 -14.45 -4.67 -12.09
CA CYS A 71 -13.90 -3.79 -11.07
C CYS A 71 -14.17 -2.34 -11.45
N GLN A 72 -14.78 -1.60 -10.52
CA GLN A 72 -15.05 -0.17 -10.70
C GLN A 72 -13.92 0.64 -10.08
N VAL A 73 -13.40 1.61 -10.82
CA VAL A 73 -12.39 2.54 -10.30
C VAL A 73 -13.07 3.86 -9.97
N ILE A 74 -12.78 4.38 -8.78
CA ILE A 74 -13.35 5.65 -8.32
C ILE A 74 -12.22 6.49 -7.74
N GLY A 75 -12.10 7.74 -8.21
CA GLY A 75 -11.16 8.68 -7.64
C GLY A 75 -11.85 9.68 -6.73
N ALA A 76 -11.07 10.36 -5.88
CA ALA A 76 -11.66 11.26 -4.90
C ALA A 76 -10.63 12.28 -4.44
N SER A 77 -11.12 13.48 -4.11
CA SER A 77 -10.30 14.46 -3.41
C SER A 77 -11.22 15.39 -2.64
N VAL A 78 -10.62 16.24 -1.80
CA VAL A 78 -11.42 17.15 -0.98
C VAL A 78 -11.94 18.36 -1.77
N ASP A 79 -11.58 18.51 -3.04
CA ASP A 79 -12.07 19.64 -3.81
C ASP A 79 -13.57 19.51 -4.08
N SER A 80 -14.19 20.65 -4.38
CA SER A 80 -15.61 20.69 -4.67
C SER A 80 -15.91 19.98 -5.98
N HIS A 81 -17.18 19.60 -6.15
CA HIS A 81 -17.55 18.94 -7.40
C HIS A 81 -17.46 19.90 -8.57
N PHE A 82 -17.67 21.20 -8.34
CA PHE A 82 -17.47 22.17 -9.41
C PHE A 82 -16.02 22.20 -9.86
N SER A 83 -15.09 22.12 -8.90
CA SER A 83 -13.68 22.06 -9.23
C SER A 83 -13.36 20.85 -10.11
N HIS A 84 -13.90 19.68 -9.74
CA HIS A 84 -13.69 18.48 -10.54
C HIS A 84 -14.19 18.70 -11.96
N LEU A 85 -15.41 19.24 -12.09
CA LEU A 85 -15.99 19.45 -13.42
C LEU A 85 -15.15 20.42 -14.24
N ALA A 86 -14.66 21.49 -13.61
CA ALA A 86 -13.81 22.44 -14.34
C ALA A 86 -12.56 21.75 -14.86
N TRP A 87 -11.97 20.85 -14.06
CA TRP A 87 -10.77 20.14 -14.49
C TRP A 87 -11.06 19.17 -15.63
N VAL A 88 -12.20 18.49 -15.56
CA VAL A 88 -12.61 17.60 -16.65
C VAL A 88 -12.87 18.39 -17.92
N ASN A 89 -13.48 19.57 -17.79
CA ASN A 89 -13.83 20.39 -18.94
C ASN A 89 -12.62 21.10 -19.55
N THR A 90 -11.46 21.03 -18.92
CA THR A 90 -10.25 21.60 -19.47
C THR A 90 -9.53 20.52 -20.28
N PRO A 91 -9.26 20.73 -21.56
CA PRO A 91 -8.66 19.67 -22.36
C PRO A 91 -7.27 19.28 -21.84
N LYS A 92 -6.93 18.02 -22.03
CA LYS A 92 -5.60 17.51 -21.70
C LYS A 92 -4.51 18.36 -22.35
N LYS A 93 -4.75 18.82 -23.59
CA LYS A 93 -3.78 19.67 -24.30
C LYS A 93 -3.47 20.94 -23.53
N GLN A 94 -4.40 21.41 -22.70
CA GLN A 94 -4.23 22.63 -21.92
C GLN A 94 -3.93 22.36 -20.45
N GLY A 95 -3.59 21.13 -20.09
CA GLY A 95 -3.27 20.83 -18.71
C GLY A 95 -4.44 20.36 -17.87
N GLY A 96 -5.57 20.04 -18.48
CA GLY A 96 -6.70 19.50 -17.76
C GLY A 96 -6.75 17.98 -17.79
N LEU A 97 -7.86 17.43 -17.28
CA LEU A 97 -8.06 15.99 -17.34
C LEU A 97 -8.64 15.54 -18.67
N GLY A 98 -9.49 16.36 -19.29
CA GLY A 98 -10.27 15.92 -20.41
C GLY A 98 -11.34 14.93 -19.98
N PRO A 99 -12.05 14.37 -20.95
CA PRO A 99 -13.14 13.43 -20.63
C PRO A 99 -12.62 12.23 -19.85
N MET A 100 -13.43 11.78 -18.89
CA MET A 100 -13.07 10.73 -17.95
C MET A 100 -13.93 9.49 -18.16
N ASN A 101 -13.31 8.33 -17.91
CA ASN A 101 -14.02 7.05 -17.90
C ASN A 101 -14.35 6.58 -16.49
N ILE A 102 -13.99 7.35 -15.47
CA ILE A 102 -14.20 6.97 -14.07
C ILE A 102 -14.85 8.14 -13.35
N PRO A 103 -15.62 7.88 -12.30
CA PRO A 103 -16.18 8.99 -11.52
C PRO A 103 -15.13 9.60 -10.60
N LEU A 104 -15.30 10.89 -10.33
CA LEU A 104 -14.43 11.62 -9.40
C LEU A 104 -15.28 12.16 -8.25
N VAL A 105 -15.03 11.63 -7.05
CA VAL A 105 -15.81 11.97 -5.86
C VAL A 105 -15.25 13.24 -5.23
N SER A 106 -16.16 14.09 -4.74
CA SER A 106 -15.82 15.29 -3.98
C SER A 106 -16.06 15.03 -2.50
N ASP A 107 -15.05 15.33 -1.67
CA ASP A 107 -15.11 15.10 -0.23
C ASP A 107 -14.84 16.42 0.51
N PRO A 108 -15.69 17.43 0.32
CA PRO A 108 -15.36 18.77 0.83
C PRO A 108 -15.37 18.88 2.36
N LYS A 109 -16.09 18.01 3.06
CA LYS A 109 -16.06 18.03 4.52
C LYS A 109 -14.97 17.15 5.10
N ARG A 110 -14.16 16.50 4.25
CA ARG A 110 -13.00 15.70 4.64
C ARG A 110 -13.39 14.45 5.41
N THR A 111 -14.67 14.10 5.50
CA THR A 111 -15.06 12.97 6.31
C THR A 111 -14.72 11.64 5.66
N ILE A 112 -14.70 11.56 4.32
CA ILE A 112 -14.32 10.30 3.69
C ILE A 112 -12.83 10.06 3.85
N ALA A 113 -12.02 11.10 3.60
CA ALA A 113 -10.59 10.98 3.82
C ALA A 113 -10.31 10.61 5.27
N GLN A 114 -11.06 11.18 6.21
CA GLN A 114 -10.80 10.79 7.59
C GLN A 114 -11.20 9.35 7.85
N ASP A 115 -12.33 8.90 7.30
CA ASP A 115 -12.76 7.52 7.49
C ASP A 115 -11.73 6.53 6.93
N TYR A 116 -11.04 6.90 5.86
CA TYR A 116 -10.05 6.02 5.27
C TYR A 116 -8.65 6.22 5.84
N GLY A 117 -8.51 7.15 6.79
CA GLY A 117 -7.25 7.32 7.47
C GLY A 117 -6.18 8.01 6.66
N VAL A 118 -6.55 8.78 5.63
CA VAL A 118 -5.58 9.36 4.72
C VAL A 118 -5.58 10.88 4.77
N LEU A 119 -6.16 11.49 5.80
CA LEU A 119 -6.16 12.94 5.87
C LEU A 119 -4.82 13.43 6.39
N LYS A 120 -4.21 14.35 5.66
CA LYS A 120 -3.01 15.07 6.12
C LYS A 120 -3.54 16.24 6.94
N ALA A 121 -3.69 16.02 8.25
CA ALA A 121 -4.48 16.91 9.08
C ALA A 121 -3.97 18.35 9.03
N ASP A 122 -2.65 18.53 8.97
CA ASP A 122 -2.10 19.88 8.99
C ASP A 122 -2.44 20.69 7.75
N GLU A 123 -2.91 20.04 6.68
CA GLU A 123 -3.12 20.73 5.41
C GLU A 123 -4.53 20.62 4.85
N GLY A 124 -5.42 19.83 5.45
CA GLY A 124 -6.75 19.66 4.91
C GLY A 124 -6.81 18.96 3.57
N ILE A 125 -5.81 18.14 3.24
CA ILE A 125 -5.78 17.40 1.99
C ILE A 125 -5.49 15.94 2.30
N SER A 126 -5.78 15.08 1.33
CA SER A 126 -5.53 13.66 1.52
C SER A 126 -4.14 13.29 0.99
N PHE A 127 -3.52 12.30 1.61
CA PHE A 127 -2.40 11.62 1.01
C PHE A 127 -2.88 10.83 -0.21
N ARG A 128 -1.93 10.22 -0.91
CA ARG A 128 -2.26 9.40 -2.07
C ARG A 128 -2.63 8.00 -1.60
N GLY A 129 -3.86 7.88 -1.09
CA GLY A 129 -4.36 6.60 -0.63
C GLY A 129 -5.09 5.85 -1.74
N LEU A 130 -4.92 4.53 -1.75
CA LEU A 130 -5.62 3.67 -2.69
C LEU A 130 -6.07 2.43 -1.94
N PHE A 131 -7.32 2.02 -2.16
CA PHE A 131 -7.94 0.96 -1.42
C PHE A 131 -8.60 -0.02 -2.38
N ILE A 132 -8.40 -1.31 -2.17
CA ILE A 132 -9.01 -2.34 -3.00
C ILE A 132 -10.07 -3.03 -2.16
N ILE A 133 -11.30 -3.00 -2.64
CA ILE A 133 -12.48 -3.47 -1.92
C ILE A 133 -13.11 -4.57 -2.77
N ASP A 134 -13.44 -5.69 -2.14
CA ASP A 134 -13.94 -6.80 -2.95
C ASP A 134 -15.44 -6.63 -3.21
N ASP A 135 -16.02 -7.60 -3.91
CA ASP A 135 -17.42 -7.53 -4.34
C ASP A 135 -18.39 -7.72 -3.19
N LYS A 136 -17.93 -8.14 -2.02
CA LYS A 136 -18.73 -8.17 -0.81
C LYS A 136 -18.58 -6.90 0.02
N GLY A 137 -17.81 -5.92 -0.47
CA GLY A 137 -17.58 -4.70 0.27
C GLY A 137 -16.49 -4.77 1.32
N ILE A 138 -15.70 -5.84 1.34
CA ILE A 138 -14.66 -6.03 2.36
C ILE A 138 -13.37 -5.41 1.86
N LEU A 139 -12.69 -4.66 2.73
CA LEU A 139 -11.41 -4.06 2.36
C LEU A 139 -10.34 -5.13 2.27
N ARG A 140 -9.63 -5.19 1.15
CA ARG A 140 -8.59 -6.19 0.94
C ARG A 140 -7.20 -5.62 0.90
N GLN A 141 -7.03 -4.34 0.61
CA GLN A 141 -5.69 -3.81 0.39
C GLN A 141 -5.67 -2.33 0.68
N ILE A 142 -4.62 -1.89 1.37
CA ILE A 142 -4.39 -0.47 1.68
C ILE A 142 -3.04 -0.05 1.11
N THR A 143 -3.05 1.07 0.37
CA THR A 143 -1.84 1.68 -0.17
C THR A 143 -1.90 3.16 0.18
N VAL A 144 -0.88 3.69 0.84
CA VAL A 144 -0.83 5.13 1.07
C VAL A 144 0.57 5.63 0.74
N ASN A 145 0.65 6.58 -0.18
CA ASN A 145 1.91 7.22 -0.53
C ASN A 145 1.93 8.64 -0.01
N ASP A 146 3.09 9.06 0.49
CA ASP A 146 3.34 10.47 0.71
C ASP A 146 3.15 11.22 -0.61
N LEU A 147 2.91 12.54 -0.50
CA LEU A 147 2.44 13.32 -1.64
C LEU A 147 3.32 13.28 -2.89
N PRO A 148 4.66 13.20 -2.83
CA PRO A 148 5.45 13.37 -4.05
C PRO A 148 5.46 12.21 -5.03
N VAL A 149 4.98 11.03 -4.65
CA VAL A 149 5.21 9.83 -5.43
C VAL A 149 3.88 9.20 -5.81
N GLY A 150 3.69 8.97 -7.11
CA GLY A 150 2.45 8.48 -7.63
C GLY A 150 2.35 6.98 -7.62
N ARG A 151 1.19 6.50 -8.06
CA ARG A 151 0.84 5.09 -8.03
C ARG A 151 0.93 4.50 -9.42
N SER A 152 0.88 3.17 -9.47
CA SER A 152 1.06 2.39 -10.70
C SER A 152 -0.25 1.67 -11.03
N VAL A 153 -0.77 1.91 -12.23
CA VAL A 153 -1.94 1.15 -12.67
C VAL A 153 -1.59 -0.33 -12.83
N ASP A 154 -0.40 -0.64 -13.37
CA ASP A 154 0.03 -2.03 -13.47
C ASP A 154 -0.03 -2.75 -12.12
N GLU A 155 0.51 -2.11 -11.08
CA GLU A 155 0.53 -2.75 -9.78
C GLU A 155 -0.89 -2.93 -9.23
N THR A 156 -1.75 -1.95 -9.48
CA THR A 156 -3.13 -2.06 -9.03
C THR A 156 -3.85 -3.21 -9.70
N LEU A 157 -3.64 -3.37 -11.02
CA LEU A 157 -4.25 -4.49 -11.73
C LEU A 157 -3.69 -5.82 -11.24
N ARG A 158 -2.38 -5.88 -10.99
CA ARG A 158 -1.80 -7.10 -10.42
C ARG A 158 -2.52 -7.50 -9.14
N LEU A 159 -2.78 -6.52 -8.27
CA LEU A 159 -3.42 -6.79 -7.00
C LEU A 159 -4.86 -7.26 -7.18
N VAL A 160 -5.63 -6.54 -8.00
CA VAL A 160 -7.03 -6.91 -8.22
C VAL A 160 -7.12 -8.32 -8.78
N GLN A 161 -6.28 -8.63 -9.78
CA GLN A 161 -6.26 -9.99 -10.33
C GLN A 161 -5.88 -11.01 -9.27
N ALA A 162 -4.90 -10.68 -8.41
CA ALA A 162 -4.45 -11.64 -7.40
C ALA A 162 -5.53 -11.91 -6.37
N PHE A 163 -6.27 -10.88 -5.96
CA PHE A 163 -7.35 -11.09 -5.01
C PHE A 163 -8.46 -11.92 -5.61
N GLN A 164 -8.76 -11.70 -6.89
CA GLN A 164 -9.80 -12.48 -7.54
C GLN A 164 -9.36 -13.93 -7.72
N PHE A 165 -8.08 -14.15 -8.04
CA PHE A 165 -7.55 -15.51 -8.11
C PHE A 165 -7.68 -16.22 -6.76
N THR A 166 -7.22 -15.60 -5.68
CA THR A 166 -7.29 -16.29 -4.41
C THR A 166 -8.71 -16.40 -3.87
N ASP A 167 -9.63 -15.55 -4.33
CA ASP A 167 -11.03 -15.71 -3.96
C ASP A 167 -11.57 -17.09 -4.35
N LYS A 168 -10.89 -17.84 -5.20
CA LYS A 168 -11.40 -19.11 -5.69
C LYS A 168 -11.00 -20.32 -4.85
N HIS A 169 -9.97 -20.22 -4.00
CA HIS A 169 -9.62 -21.32 -3.09
C HIS A 169 -10.59 -21.35 -1.92
N GLY A 170 -11.22 -22.50 -1.69
CA GLY A 170 -12.07 -22.73 -0.53
C GLY A 170 -13.02 -21.58 -0.28
N GLU A 171 -13.66 -21.11 -1.37
CA GLU A 171 -14.59 -19.99 -1.32
C GLU A 171 -15.46 -20.08 -0.08
N VAL A 172 -15.68 -18.94 0.59
CA VAL A 172 -16.38 -18.94 1.87
C VAL A 172 -17.70 -19.69 1.80
N CYS A 173 -18.20 -19.93 0.59
CA CYS A 173 -19.32 -20.84 0.34
C CYS A 173 -19.42 -21.24 -1.14
N GLY B 4 -2.43 1.69 14.83
CA GLY B 4 -1.11 1.82 15.42
C GLY B 4 -0.57 3.23 15.40
N ASN B 5 0.77 3.35 15.35
CA ASN B 5 1.45 4.63 15.37
C ASN B 5 2.21 4.91 14.07
N ALA B 6 1.96 4.12 13.03
CA ALA B 6 2.61 4.36 11.74
C ALA B 6 1.81 5.40 10.98
N LYS B 7 2.36 6.61 10.84
CA LYS B 7 1.69 7.70 10.16
C LYS B 7 2.64 8.30 9.13
N ILE B 8 2.14 8.48 7.90
CA ILE B 8 2.95 9.10 6.86
C ILE B 8 3.42 10.47 7.31
N GLY B 9 4.72 10.72 7.16
CA GLY B 9 5.29 12.01 7.52
C GLY B 9 5.74 12.12 8.95
N HIS B 10 5.50 11.10 9.76
CA HIS B 10 5.97 11.04 11.13
C HIS B 10 7.06 9.99 11.26
N PRO B 11 7.90 10.09 12.29
CA PRO B 11 8.90 9.04 12.53
C PRO B 11 8.25 7.67 12.60
N ALA B 12 8.83 6.72 11.88
CA ALA B 12 8.34 5.36 11.95
C ALA B 12 8.58 4.79 13.36
N PRO B 13 7.63 4.05 13.91
CA PRO B 13 7.83 3.46 15.25
C PRO B 13 9.12 2.68 15.36
N ASN B 14 9.92 2.99 16.38
CA ASN B 14 11.11 2.19 16.58
C ASN B 14 10.74 0.82 17.13
N PHE B 15 11.67 -0.11 17.01
CA PHE B 15 11.52 -1.42 17.60
C PHE B 15 12.91 -1.91 17.93
N LYS B 16 12.99 -2.81 18.91
CA LYS B 16 14.20 -3.57 19.16
C LYS B 16 13.79 -5.02 19.32
N ALA B 17 14.33 -5.87 18.46
CA ALA B 17 13.88 -7.26 18.43
C ALA B 17 15.04 -8.14 18.01
N THR B 18 14.92 -9.41 18.35
CA THR B 18 15.89 -10.39 17.93
C THR B 18 15.60 -10.77 16.48
N ALA B 19 16.64 -10.73 15.65
CA ALA B 19 16.53 -11.15 14.26
C ALA B 19 17.51 -12.29 13.99
N VAL B 20 17.18 -13.13 13.01
CA VAL B 20 18.18 -14.03 12.44
C VAL B 20 18.85 -13.27 11.30
N MET B 21 20.15 -13.14 11.37
CA MET B 21 20.91 -12.33 10.43
C MET B 21 21.34 -13.15 9.23
N PRO B 22 21.77 -12.50 8.14
CA PRO B 22 22.23 -13.25 6.96
C PRO B 22 23.28 -14.31 7.26
N ASP B 23 24.16 -14.09 8.24
CA ASP B 23 25.14 -15.12 8.55
C ASP B 23 24.57 -16.26 9.39
N GLY B 24 23.26 -16.26 9.67
CA GLY B 24 22.65 -17.35 10.40
C GLY B 24 22.67 -17.22 11.90
N GLN B 25 23.25 -16.15 12.43
CA GLN B 25 23.32 -15.92 13.86
C GLN B 25 22.19 -14.99 14.28
N PHE B 26 21.87 -15.05 15.57
CA PHE B 26 20.85 -14.18 16.13
C PHE B 26 21.47 -12.87 16.61
N LYS B 27 20.79 -11.78 16.34
CA LYS B 27 21.25 -10.47 16.80
C LYS B 27 20.05 -9.61 17.17
N ASP B 28 20.18 -8.84 18.24
CA ASP B 28 19.13 -7.89 18.57
C ASP B 28 19.36 -6.60 17.77
N ILE B 29 18.39 -6.24 16.94
CA ILE B 29 18.52 -5.07 16.07
C ILE B 29 17.37 -4.11 16.32
N SER B 30 17.61 -2.84 15.96
CA SER B 30 16.62 -1.78 16.06
C SER B 30 16.47 -1.05 14.73
N LEU B 31 15.26 -0.54 14.49
CA LEU B 31 15.05 0.30 13.31
C LEU B 31 16.05 1.45 13.29
N SER B 32 16.31 2.05 14.46
CA SER B 32 17.22 3.18 14.54
C SER B 32 18.66 2.82 14.19
N ASP B 33 19.01 1.53 14.16
CA ASP B 33 20.32 1.11 13.68
C ASP B 33 20.57 1.53 12.25
N TYR B 34 19.50 1.77 11.49
CA TYR B 34 19.60 1.99 10.06
C TYR B 34 19.34 3.45 9.67
N LYS B 35 19.34 4.37 10.62
CA LYS B 35 19.25 5.78 10.26
C LYS B 35 20.40 6.14 9.32
N GLY B 36 20.10 7.02 8.39
CA GLY B 36 21.01 7.36 7.33
C GLY B 36 20.78 6.57 6.05
N LYS B 37 19.98 5.52 6.10
CA LYS B 37 19.62 4.73 4.93
C LYS B 37 18.11 4.62 4.85
N TYR B 38 17.60 4.45 3.63
CA TYR B 38 16.21 4.04 3.50
C TYR B 38 16.04 2.63 4.05
N VAL B 39 14.83 2.33 4.52
CA VAL B 39 14.49 1.00 5.04
C VAL B 39 13.19 0.57 4.40
N VAL B 40 13.16 -0.66 3.91
CA VAL B 40 11.91 -1.35 3.59
C VAL B 40 11.69 -2.37 4.69
N PHE B 41 10.66 -2.15 5.50
CA PHE B 41 10.32 -3.02 6.61
C PHE B 41 9.03 -3.75 6.24
N PHE B 42 9.08 -5.08 6.13
CA PHE B 42 7.90 -5.82 5.72
C PHE B 42 7.58 -6.94 6.69
N PHE B 43 6.29 -7.14 6.92
CA PHE B 43 5.75 -8.17 7.78
C PHE B 43 5.25 -9.33 6.93
N TYR B 44 5.40 -10.55 7.42
CA TYR B 44 4.70 -11.67 6.83
C TYR B 44 4.06 -12.47 7.94
N PRO B 45 2.98 -13.21 7.67
CA PRO B 45 2.21 -13.80 8.78
C PRO B 45 2.95 -14.84 9.63
N LEU B 46 3.40 -15.94 9.02
CA LEU B 46 3.98 -17.05 9.75
C LEU B 46 5.06 -17.72 8.92
N ASP B 47 5.99 -18.37 9.60
CA ASP B 47 6.95 -19.24 8.93
C ASP B 47 6.26 -20.49 8.41
N PHE B 48 6.89 -21.10 7.40
CA PHE B 48 6.51 -22.40 6.84
C PHE B 48 5.16 -22.36 6.15
N THR B 49 4.89 -21.24 5.50
CA THR B 49 3.67 -20.95 4.75
C THR B 49 4.00 -20.93 3.26
N PHE B 50 2.99 -20.70 2.41
CA PHE B 50 3.25 -20.90 0.99
C PHE B 50 3.25 -19.63 0.15
N VAL B 51 2.70 -18.51 0.63
CA VAL B 51 2.86 -17.25 -0.09
C VAL B 51 4.10 -16.51 0.38
N SER B 52 4.30 -16.43 1.70
CA SER B 52 5.45 -15.74 2.26
C SER B 52 6.81 -16.14 1.69
N PRO B 53 7.13 -17.43 1.46
CA PRO B 53 8.49 -17.73 0.98
C PRO B 53 8.79 -17.12 -0.38
N THR B 54 7.81 -17.03 -1.28
CA THR B 54 8.05 -16.35 -2.55
C THR B 54 8.52 -14.92 -2.34
N GLU B 55 7.87 -14.20 -1.44
CA GLU B 55 8.24 -12.81 -1.15
C GLU B 55 9.61 -12.72 -0.49
N ILE B 56 9.82 -13.51 0.57
CA ILE B 56 11.06 -13.42 1.33
C ILE B 56 12.25 -13.75 0.44
N ILE B 57 12.11 -14.81 -0.34
CA ILE B 57 13.18 -15.22 -1.23
C ILE B 57 13.44 -14.17 -2.30
N ALA B 58 12.37 -13.53 -2.78
CA ALA B 58 12.55 -12.49 -3.80
C ALA B 58 13.27 -11.26 -3.23
N PHE B 59 12.85 -10.80 -2.06
CA PHE B 59 13.56 -9.68 -1.44
C PHE B 59 15.00 -10.06 -1.14
N SER B 60 15.23 -11.29 -0.67
CA SER B 60 16.58 -11.70 -0.36
C SER B 60 17.43 -11.83 -1.63
N ASP B 61 16.87 -12.49 -2.66
CA ASP B 61 17.61 -12.67 -3.92
C ASP B 61 18.01 -11.34 -4.53
N ARG B 62 17.15 -10.33 -4.39
CA ARG B 62 17.36 -9.05 -5.03
C ARG B 62 17.86 -7.98 -4.05
N ALA B 63 18.42 -8.40 -2.93
CA ALA B 63 18.88 -7.44 -1.93
C ALA B 63 19.88 -6.45 -2.50
N GLU B 64 20.70 -6.90 -3.47
CA GLU B 64 21.72 -6.01 -4.03
C GLU B 64 21.09 -4.82 -4.76
N GLU B 65 19.89 -4.99 -5.33
CA GLU B 65 19.23 -3.88 -5.98
C GLU B 65 18.79 -2.82 -4.97
N PHE B 66 18.47 -3.25 -3.74
CA PHE B 66 18.17 -2.29 -2.68
C PHE B 66 19.44 -1.66 -2.14
N LYS B 67 20.51 -2.46 -2.03
CA LYS B 67 21.81 -1.94 -1.63
C LYS B 67 22.28 -0.82 -2.55
N LYS B 68 22.05 -0.98 -3.85
CA LYS B 68 22.40 0.08 -4.79
C LYS B 68 21.62 1.36 -4.52
N LEU B 69 20.42 1.24 -3.94
CA LEU B 69 19.62 2.39 -3.55
C LEU B 69 19.88 2.82 -2.11
N ASN B 70 20.96 2.34 -1.49
CA ASN B 70 21.25 2.66 -0.09
C ASN B 70 20.05 2.33 0.80
N CYS B 71 19.47 1.17 0.57
CA CYS B 71 18.23 0.79 1.22
C CYS B 71 18.39 -0.58 1.89
N GLN B 72 18.06 -0.64 3.18
CA GLN B 72 18.09 -1.89 3.93
C GLN B 72 16.69 -2.51 3.93
N VAL B 73 16.61 -3.78 3.57
CA VAL B 73 15.36 -4.54 3.63
C VAL B 73 15.36 -5.37 4.91
N ILE B 74 14.25 -5.35 5.63
CA ILE B 74 14.09 -6.12 6.87
C ILE B 74 12.73 -6.79 6.84
N GLY B 75 12.69 -8.11 7.08
CA GLY B 75 11.43 -8.83 7.20
C GLY B 75 11.12 -9.11 8.66
N ALA B 76 9.85 -9.39 8.94
CA ALA B 76 9.41 -9.60 10.32
C ALA B 76 8.18 -10.48 10.34
N SER B 77 8.08 -11.27 11.41
CA SER B 77 6.88 -12.07 11.66
C SER B 77 6.78 -12.32 13.14
N VAL B 78 5.58 -12.70 13.61
CA VAL B 78 5.41 -13.00 15.03
C VAL B 78 6.08 -14.30 15.46
N ASP B 79 6.44 -15.16 14.51
CA ASP B 79 7.09 -16.42 14.85
C ASP B 79 8.45 -16.18 15.51
N SER B 80 8.90 -17.15 16.29
CA SER B 80 10.14 -16.97 17.02
C SER B 80 11.33 -16.91 16.08
N HIS B 81 12.42 -16.33 16.56
CA HIS B 81 13.63 -16.31 15.77
C HIS B 81 14.17 -17.72 15.55
N PHE B 82 13.88 -18.64 16.47
CA PHE B 82 14.27 -20.04 16.26
C PHE B 82 13.52 -20.63 15.07
N SER B 83 12.23 -20.31 14.95
CA SER B 83 11.46 -20.75 13.81
C SER B 83 12.02 -20.17 12.51
N HIS B 84 12.35 -18.88 12.52
CA HIS B 84 12.96 -18.26 11.34
C HIS B 84 14.19 -19.03 10.89
N LEU B 85 15.10 -19.31 11.82
CA LEU B 85 16.33 -19.99 11.44
C LEU B 85 16.05 -21.42 10.95
N ALA B 86 15.09 -22.11 11.59
CA ALA B 86 14.73 -23.44 11.11
C ALA B 86 14.28 -23.40 9.65
N TRP B 87 13.54 -22.36 9.28
CA TRP B 87 13.09 -22.23 7.90
C TRP B 87 14.25 -21.86 6.97
N VAL B 88 15.14 -20.96 7.42
CA VAL B 88 16.35 -20.64 6.66
C VAL B 88 17.18 -21.88 6.41
N ASN B 89 17.35 -22.73 7.43
CA ASN B 89 18.19 -23.92 7.36
C ASN B 89 17.53 -25.08 6.62
N THR B 90 16.23 -25.01 6.35
CA THR B 90 15.58 -26.06 5.57
C THR B 90 16.02 -25.94 4.13
N PRO B 91 16.45 -27.03 3.47
CA PRO B 91 16.87 -26.91 2.08
C PRO B 91 15.75 -26.34 1.22
N LYS B 92 16.12 -25.47 0.28
CA LYS B 92 15.12 -24.91 -0.63
C LYS B 92 14.39 -26.02 -1.37
N LYS B 93 15.12 -27.11 -1.67
CA LYS B 93 14.55 -28.29 -2.32
C LYS B 93 13.35 -28.83 -1.54
N GLN B 94 13.33 -28.66 -0.22
CA GLN B 94 12.26 -29.15 0.64
C GLN B 94 11.31 -28.05 1.10
N GLY B 95 11.29 -26.93 0.39
CA GLY B 95 10.43 -25.83 0.75
C GLY B 95 11.02 -24.83 1.72
N GLY B 96 12.33 -24.87 1.94
CA GLY B 96 12.93 -23.92 2.85
C GLY B 96 13.28 -22.60 2.18
N LEU B 97 13.68 -21.64 3.01
CA LEU B 97 14.08 -20.34 2.49
C LEU B 97 15.47 -20.37 1.90
N GLY B 98 16.35 -21.20 2.44
CA GLY B 98 17.74 -21.17 2.08
C GLY B 98 18.45 -19.96 2.67
N PRO B 99 19.73 -19.82 2.38
CA PRO B 99 20.49 -18.69 2.93
C PRO B 99 19.86 -17.36 2.55
N MET B 100 19.88 -16.43 3.49
CA MET B 100 19.22 -15.14 3.36
C MET B 100 20.23 -14.00 3.27
N ASN B 101 19.87 -12.99 2.49
CA ASN B 101 20.64 -11.77 2.39
C ASN B 101 20.04 -10.63 3.21
N ILE B 102 18.93 -10.89 3.90
CA ILE B 102 18.25 -9.87 4.68
C ILE B 102 18.00 -10.44 6.07
N PRO B 103 17.94 -9.60 7.10
CA PRO B 103 17.53 -10.07 8.43
C PRO B 103 16.03 -10.32 8.51
N LEU B 104 15.67 -11.27 9.38
CA LEU B 104 14.28 -11.60 9.66
C LEU B 104 14.03 -11.41 11.15
N VAL B 105 13.22 -10.41 11.49
CA VAL B 105 12.88 -10.01 12.85
C VAL B 105 11.79 -10.91 13.41
N SER B 106 11.89 -11.23 14.71
CA SER B 106 10.86 -11.96 15.44
C SER B 106 10.07 -11.00 16.32
N ASP B 107 8.73 -11.08 16.24
CA ASP B 107 7.81 -10.19 16.96
C ASP B 107 6.88 -11.00 17.88
N PRO B 108 7.43 -11.81 18.79
CA PRO B 108 6.59 -12.75 19.55
C PRO B 108 5.60 -12.08 20.48
N LYS B 109 5.87 -10.86 20.92
CA LYS B 109 4.90 -10.17 21.77
C LYS B 109 3.81 -9.48 20.97
N ARG B 110 3.93 -9.45 19.64
CA ARG B 110 3.00 -8.80 18.72
C ARG B 110 3.00 -7.28 18.84
N THR B 111 3.93 -6.70 19.61
CA THR B 111 3.90 -5.26 19.83
C THR B 111 4.37 -4.48 18.61
N ILE B 112 5.28 -5.04 17.82
CA ILE B 112 5.74 -4.33 16.63
C ILE B 112 4.62 -4.28 15.59
N ALA B 113 3.95 -5.41 15.36
CA ALA B 113 2.82 -5.42 14.45
C ALA B 113 1.73 -4.44 14.90
N GLN B 114 1.47 -4.37 16.21
CA GLN B 114 0.49 -3.43 16.71
C GLN B 114 0.92 -1.99 16.48
N ASP B 115 2.19 -1.69 16.76
CA ASP B 115 2.73 -0.36 16.52
C ASP B 115 2.57 0.05 15.06
N TYR B 116 2.71 -0.90 14.14
CA TYR B 116 2.59 -0.59 12.72
C TYR B 116 1.16 -0.76 12.20
N GLY B 117 0.22 -1.11 13.07
CA GLY B 117 -1.17 -1.16 12.65
C GLY B 117 -1.53 -2.31 11.73
N VAL B 118 -0.75 -3.40 11.76
CA VAL B 118 -0.99 -4.50 10.84
C VAL B 118 -1.23 -5.81 11.58
N LEU B 119 -1.59 -5.76 12.85
CA LEU B 119 -1.95 -6.99 13.54
C LEU B 119 -3.36 -7.39 13.14
N LYS B 120 -3.53 -8.65 12.72
CA LYS B 120 -4.86 -9.22 12.50
C LYS B 120 -5.33 -9.69 13.87
N ALA B 121 -6.22 -8.90 14.50
CA ALA B 121 -6.45 -9.02 15.94
C ALA B 121 -7.05 -10.37 16.30
N ASP B 122 -7.95 -10.89 15.48
CA ASP B 122 -8.62 -12.14 15.85
C ASP B 122 -7.72 -13.35 15.66
N GLU B 123 -6.48 -13.16 15.18
CA GLU B 123 -5.62 -14.29 14.85
C GLU B 123 -4.14 -14.01 15.17
N GLY B 124 -3.85 -12.96 15.93
CA GLY B 124 -2.52 -12.75 16.48
C GLY B 124 -1.34 -12.83 15.53
N ILE B 125 -1.59 -12.68 14.24
CA ILE B 125 -0.51 -12.64 13.25
C ILE B 125 -0.65 -11.33 12.48
N SER B 126 0.43 -10.96 11.79
CA SER B 126 0.40 -9.73 11.03
C SER B 126 -0.16 -9.96 9.63
N PHE B 127 -0.87 -8.95 9.14
CA PHE B 127 -1.16 -8.83 7.71
C PHE B 127 0.16 -8.64 6.95
N ARG B 128 0.07 -8.61 5.62
CA ARG B 128 1.26 -8.38 4.79
C ARG B 128 1.52 -6.89 4.66
N GLY B 129 2.04 -6.30 5.72
CA GLY B 129 2.33 -4.88 5.74
C GLY B 129 3.75 -4.61 5.26
N LEU B 130 3.90 -3.54 4.48
CA LEU B 130 5.21 -3.14 4.01
C LEU B 130 5.33 -1.63 4.19
N PHE B 131 6.47 -1.18 4.69
CA PHE B 131 6.64 0.22 5.06
C PHE B 131 7.95 0.72 4.51
N ILE B 132 7.91 1.86 3.82
CA ILE B 132 9.12 2.48 3.31
C ILE B 132 9.44 3.68 4.20
N ILE B 133 10.62 3.64 4.81
CA ILE B 133 11.07 4.62 5.79
C ILE B 133 12.32 5.28 5.23
N ASP B 134 12.37 6.61 5.29
CA ASP B 134 13.49 7.28 4.65
C ASP B 134 14.70 7.30 5.57
N ASP B 135 15.79 7.92 5.08
CA ASP B 135 17.07 7.92 5.78
C ASP B 135 17.04 8.76 7.05
N LYS B 136 16.03 9.61 7.23
CA LYS B 136 15.82 10.35 8.47
C LYS B 136 14.88 9.63 9.43
N GLY B 137 14.39 8.44 9.07
CA GLY B 137 13.47 7.72 9.91
C GLY B 137 12.01 8.06 9.73
N ILE B 138 11.67 8.85 8.72
CA ILE B 138 10.28 9.29 8.51
C ILE B 138 9.57 8.28 7.63
N LEU B 139 8.35 7.91 8.01
CA LEU B 139 7.58 6.97 7.20
C LEU B 139 7.08 7.66 5.92
N ARG B 140 7.34 7.03 4.77
CA ARG B 140 6.94 7.58 3.49
C ARG B 140 5.83 6.81 2.79
N GLN B 141 5.64 5.53 3.09
CA GLN B 141 4.75 4.71 2.30
C GLN B 141 4.22 3.58 3.17
N ILE B 142 2.92 3.30 3.05
CA ILE B 142 2.26 2.19 3.74
C ILE B 142 1.63 1.28 2.68
N THR B 143 1.92 -0.01 2.78
CA THR B 143 1.28 -1.03 1.95
C THR B 143 0.80 -2.14 2.86
N VAL B 144 -0.49 -2.48 2.83
CA VAL B 144 -0.97 -3.62 3.62
C VAL B 144 -1.84 -4.49 2.73
N ASN B 145 -1.44 -5.76 2.55
CA ASN B 145 -2.25 -6.73 1.82
C ASN B 145 -2.92 -7.70 2.80
N ASP B 146 -4.14 -8.10 2.48
CA ASP B 146 -4.75 -9.25 3.14
C ASP B 146 -3.84 -10.47 2.94
N LEU B 147 -4.01 -11.45 3.83
CA LEU B 147 -3.11 -12.62 3.85
C LEU B 147 -2.90 -13.33 2.52
N PRO B 148 -3.88 -13.48 1.62
CA PRO B 148 -3.65 -14.36 0.47
C PRO B 148 -2.74 -13.81 -0.61
N VAL B 149 -2.46 -12.50 -0.65
CA VAL B 149 -1.87 -11.88 -1.84
C VAL B 149 -0.53 -11.26 -1.50
N GLY B 150 0.51 -11.66 -2.25
CA GLY B 150 1.86 -11.19 -2.00
C GLY B 150 2.20 -9.86 -2.65
N ARG B 151 3.39 -9.40 -2.33
CA ARG B 151 3.89 -8.09 -2.75
C ARG B 151 4.88 -8.24 -3.89
N SER B 152 5.25 -7.12 -4.46
CA SER B 152 6.11 -7.11 -5.65
C SER B 152 7.40 -6.37 -5.33
N VAL B 153 8.54 -7.03 -5.55
CA VAL B 153 9.83 -6.36 -5.37
C VAL B 153 9.97 -5.22 -6.38
N ASP B 154 9.51 -5.44 -7.62
CA ASP B 154 9.62 -4.38 -8.62
C ASP B 154 8.91 -3.12 -8.15
N GLU B 155 7.69 -3.28 -7.64
CA GLU B 155 6.93 -2.12 -7.18
C GLU B 155 7.62 -1.45 -6.00
N THR B 156 8.20 -2.25 -5.10
CA THR B 156 8.88 -1.68 -3.95
C THR B 156 10.11 -0.88 -4.38
N LEU B 157 10.87 -1.42 -5.34
CA LEU B 157 12.01 -0.69 -5.88
C LEU B 157 11.59 0.60 -6.56
N ARG B 158 10.48 0.56 -7.31
CA ARG B 158 10.00 1.77 -7.96
C ARG B 158 9.73 2.85 -6.93
N LEU B 159 9.06 2.47 -5.82
CA LEU B 159 8.70 3.45 -4.80
C LEU B 159 9.93 4.00 -4.08
N VAL B 160 10.85 3.12 -3.68
CA VAL B 160 12.06 3.58 -2.98
C VAL B 160 12.79 4.60 -3.83
N GLN B 161 13.01 4.26 -5.09
CA GLN B 161 13.77 5.14 -5.99
C GLN B 161 13.05 6.46 -6.19
N ALA B 162 11.72 6.40 -6.33
CA ALA B 162 10.94 7.62 -6.55
C ALA B 162 10.95 8.54 -5.33
N PHE B 163 10.89 7.98 -4.13
CA PHE B 163 11.01 8.83 -2.95
C PHE B 163 12.39 9.48 -2.88
N GLN B 164 13.42 8.74 -3.25
CA GLN B 164 14.77 9.30 -3.22
C GLN B 164 14.94 10.40 -4.26
N PHE B 165 14.37 10.22 -5.44
CA PHE B 165 14.46 11.25 -6.47
C PHE B 165 13.73 12.52 -6.07
N THR B 166 12.56 12.38 -5.45
CA THR B 166 11.80 13.56 -5.07
C THR B 166 12.37 14.21 -3.82
N ASP B 167 13.10 13.44 -3.00
CA ASP B 167 13.85 14.01 -1.88
C ASP B 167 14.86 15.03 -2.39
N LYS B 168 15.47 14.74 -3.54
CA LYS B 168 16.50 15.62 -4.09
C LYS B 168 15.93 16.80 -4.85
N HIS B 169 14.87 16.59 -5.61
CA HIS B 169 14.27 17.63 -6.44
C HIS B 169 12.76 17.39 -6.56
N CYS B 173 22.15 20.85 -8.38
CA CYS B 173 22.89 21.94 -9.00
C CYS B 173 22.02 22.68 -10.02
N PRO B 174 21.91 24.01 -9.86
CA PRO B 174 21.01 24.79 -10.73
C PRO B 174 21.64 25.18 -12.07
N ALA B 175 22.54 24.35 -12.60
CA ALA B 175 23.05 24.58 -13.96
C ALA B 175 22.13 23.92 -14.99
#